data_6V98
#
_entry.id   6V98
#
_cell.length_a   45.756
_cell.length_b   63.645
_cell.length_c   70.292
_cell.angle_alpha   90.000
_cell.angle_beta   90.000
_cell.angle_gamma   90.000
#
_symmetry.space_group_name_H-M   'P 21 21 21'
#
loop_
_entity.id
_entity.type
_entity.pdbx_description
1 polymer 'Cysteine hydrolase'
2 non-polymer 'CALCIUM ION'
3 water water
#
_entity_poly.entity_id   1
_entity_poly.type   'polypeptide(L)'
_entity_poly.pdbx_seq_one_letter_code
;SGNDDFLIPVVFPDYLISVADEQSFELWGVKIKTPAVKAPYLGHAGVILINGETGVTRYYEYGRYKNPKSDIPGNVRKVG
VSNVTIKSGLITESSLLKVLKEVSLRSGQEGRISGVVLRGKFFSEADSWLRGKMDLNNSPDKIPYDLDSHN(CAF)MTFV
IDLADAMGLDPAWKPPVVVPSAYIEQFQLSEIDLDYDYKTNKLTVSE
;
_entity_poly.pdbx_strand_id   A
#
loop_
_chem_comp.id
_chem_comp.type
_chem_comp.name
_chem_comp.formula
CA non-polymer 'CALCIUM ION' 'Ca 2'
#
# COMPACT_ATOMS: atom_id res chain seq x y z
N SER A 1 -15.27 -14.58 13.88
CA SER A 1 -14.71 -15.50 12.90
C SER A 1 -13.29 -15.91 13.23
N GLY A 2 -12.52 -14.99 13.83
CA GLY A 2 -11.10 -15.19 13.99
C GLY A 2 -10.32 -15.19 12.69
N ASN A 3 -10.92 -14.71 11.60
CA ASN A 3 -10.24 -14.69 10.30
C ASN A 3 -9.14 -13.65 10.31
N ASP A 4 -7.96 -14.04 9.82
CA ASP A 4 -6.82 -13.13 9.76
C ASP A 4 -7.14 -11.88 8.95
N ASP A 5 -6.57 -10.76 9.37
CA ASP A 5 -6.66 -9.53 8.59
C ASP A 5 -5.81 -9.64 7.34
N PHE A 6 -5.95 -8.64 6.47
CA PHE A 6 -5.23 -8.57 5.20
C PHE A 6 -4.44 -7.28 5.15
N LEU A 7 -3.18 -7.37 4.71
CA LEU A 7 -2.37 -6.21 4.34
C LEU A 7 -1.88 -6.45 2.91
N ILE A 8 -2.24 -5.56 2.01
CA ILE A 8 -1.95 -5.74 0.58
C ILE A 8 -1.12 -4.55 0.13
N PRO A 9 0.21 -4.60 0.27
CA PRO A 9 1.07 -3.65 -0.42
C PRO A 9 0.76 -3.69 -1.90
N VAL A 10 0.60 -2.52 -2.51
CA VAL A 10 0.33 -2.42 -3.95
C VAL A 10 1.36 -1.48 -4.56
N VAL A 11 1.94 -1.89 -5.68
CA VAL A 11 2.87 -1.06 -6.44
C VAL A 11 2.29 -0.86 -7.84
N PHE A 12 2.44 0.35 -8.36
CA PHE A 12 2.01 0.71 -9.71
C PHE A 12 3.28 0.82 -10.53
N PRO A 13 3.75 -0.26 -11.15
CA PRO A 13 5.10 -0.24 -11.74
C PRO A 13 5.25 0.68 -12.92
N ASP A 14 4.14 1.06 -13.57
CA ASP A 14 4.19 1.92 -14.75
C ASP A 14 3.91 3.39 -14.42
N TYR A 15 3.79 3.71 -13.14
CA TYR A 15 3.58 5.07 -12.66
C TYR A 15 4.78 5.93 -13.01
N LEU A 16 4.52 7.16 -13.47
CA LEU A 16 5.57 8.03 -13.97
C LEU A 16 5.80 9.16 -12.97
N ILE A 17 7.05 9.31 -12.54
CA ILE A 17 7.38 10.34 -11.55
C ILE A 17 7.86 11.63 -12.22
N SER A 18 8.55 11.51 -13.36
CA SER A 18 8.89 12.62 -14.26
C SER A 18 9.96 13.59 -13.73
N VAL A 19 9.90 14.03 -12.48
CA VAL A 19 10.86 15.03 -12.00
C VAL A 19 11.56 14.51 -10.75
N ALA A 20 12.88 14.67 -10.71
CA ALA A 20 13.72 14.12 -9.65
C ALA A 20 13.61 14.95 -8.37
N ASP A 21 14.51 14.66 -7.44
CA ASP A 21 14.47 15.10 -6.06
C ASP A 21 15.20 16.42 -5.86
N LEU A 42 11.36 4.13 -10.62
CA LEU A 42 10.15 3.74 -11.32
C LEU A 42 9.08 3.28 -10.31
N GLY A 43 7.85 3.76 -10.48
CA GLY A 43 6.71 3.21 -9.81
C GLY A 43 6.33 3.98 -8.55
N HIS A 44 5.10 3.74 -8.09
CA HIS A 44 4.57 4.28 -6.84
C HIS A 44 3.98 3.13 -6.02
N ALA A 45 3.86 3.34 -4.71
CA ALA A 45 3.40 2.26 -3.84
C ALA A 45 2.38 2.80 -2.86
N GLY A 46 1.45 1.93 -2.47
CA GLY A 46 0.50 2.22 -1.39
C GLY A 46 0.16 0.95 -0.65
N VAL A 47 -0.81 0.97 0.27
CA VAL A 47 -1.15 -0.25 0.99
C VAL A 47 -2.65 -0.28 1.27
N ILE A 48 -3.26 -1.43 1.00
CA ILE A 48 -4.64 -1.70 1.37
C ILE A 48 -4.65 -2.47 2.67
N LEU A 49 -5.52 -2.07 3.60
CA LEU A 49 -5.66 -2.73 4.89
C LEU A 49 -7.10 -3.19 5.05
N ILE A 50 -7.31 -4.48 5.33
CA ILE A 50 -8.65 -5.04 5.41
C ILE A 50 -8.84 -5.76 6.74
N ASN A 51 -9.93 -5.44 7.44
CA ASN A 51 -10.38 -6.19 8.61
C ASN A 51 -10.92 -7.55 8.17
N GLY A 52 -10.27 -8.63 8.64
CA GLY A 52 -10.66 -9.97 8.22
C GLY A 52 -12.00 -10.43 8.75
N GLU A 53 -12.53 -9.79 9.79
CA GLU A 53 -13.84 -10.11 10.32
C GLU A 53 -14.96 -9.38 9.60
N THR A 54 -14.77 -8.10 9.31
CA THR A 54 -15.85 -7.23 8.83
C THR A 54 -15.71 -6.79 7.39
N GLY A 55 -14.52 -6.91 6.80
CA GLY A 55 -14.29 -6.41 5.46
C GLY A 55 -14.08 -4.91 5.37
N VAL A 56 -14.07 -4.21 6.50
CA VAL A 56 -13.76 -2.78 6.49
C VAL A 56 -12.37 -2.58 5.91
N THR A 57 -12.25 -1.65 4.95
CA THR A 57 -11.07 -1.47 4.12
C THR A 57 -10.55 -0.04 4.24
N ARG A 58 -9.22 0.11 4.34
CA ARG A 58 -8.54 1.40 4.33
C ARG A 58 -7.44 1.37 3.27
N TYR A 59 -7.10 2.56 2.77
CA TYR A 59 -5.97 2.70 1.86
C TYR A 59 -5.14 3.91 2.29
N TYR A 60 -3.83 3.70 2.42
CA TYR A 60 -2.89 4.74 2.78
C TYR A 60 -1.71 4.72 1.83
N GLU A 61 -1.08 5.88 1.66
CA GLU A 61 0.14 5.95 0.88
C GLU A 61 0.95 7.16 1.34
N TYR A 62 2.22 7.16 0.95
CA TYR A 62 3.16 8.23 1.28
C TYR A 62 3.81 8.70 -0.01
N GLY A 63 3.89 10.00 -0.20
CA GLY A 63 4.43 10.48 -1.46
C GLY A 63 4.50 11.99 -1.47
N ARG A 64 4.77 12.54 -2.66
CA ARG A 64 4.93 13.99 -2.77
C ARG A 64 3.55 14.62 -2.99
N TYR A 65 2.79 14.62 -1.90
CA TYR A 65 1.47 15.22 -1.86
C TYR A 65 1.53 16.58 -1.17
N LYS A 66 0.66 17.49 -1.63
CA LYS A 66 0.66 18.86 -1.14
C LYS A 66 0.31 18.92 0.34
N ASN A 67 0.93 19.85 1.06
CA ASN A 67 0.58 20.10 2.45
C ASN A 67 0.90 21.55 2.75
N PRO A 68 -0.12 22.40 2.84
CA PRO A 68 0.13 23.83 3.13
C PRO A 68 0.70 24.10 4.51
N LYS A 69 0.60 23.16 5.45
CA LYS A 69 1.06 23.39 6.82
C LYS A 69 2.39 22.75 7.12
N SER A 70 3.11 22.30 6.09
CA SER A 70 4.43 21.72 6.30
C SER A 70 5.33 22.19 5.17
N ASP A 71 6.55 22.59 5.53
CA ASP A 71 7.55 22.91 4.52
C ASP A 71 8.50 21.76 4.25
N ILE A 72 8.20 20.57 4.76
CA ILE A 72 9.05 19.41 4.58
C ILE A 72 8.37 18.49 3.56
N PRO A 73 9.03 18.15 2.45
CA PRO A 73 8.36 17.40 1.39
C PRO A 73 7.97 16.00 1.86
N GLY A 74 6.90 15.48 1.27
CA GLY A 74 6.46 14.14 1.59
C GLY A 74 5.38 14.13 2.65
N ASN A 75 4.23 13.49 2.36
CA ASN A 75 3.13 13.43 3.31
C ASN A 75 2.41 12.11 3.13
N VAL A 76 1.85 11.62 4.24
CA VAL A 76 0.96 10.47 4.20
C VAL A 76 -0.43 10.96 3.81
N ARG A 77 -1.12 10.18 3.00
CA ARG A 77 -2.52 10.50 2.77
C ARG A 77 -3.35 9.23 2.80
N LYS A 78 -4.61 9.40 3.14
CA LYS A 78 -5.59 8.35 3.21
C LYS A 78 -6.58 8.60 2.08
N VAL A 79 -6.91 7.57 1.32
CA VAL A 79 -7.87 7.67 0.24
C VAL A 79 -9.05 6.78 0.59
N GLY A 80 -10.26 7.36 0.64
CA GLY A 80 -11.44 6.55 0.87
C GLY A 80 -11.66 5.54 -0.25
N VAL A 81 -11.93 4.29 0.11
CA VAL A 81 -12.23 3.23 -0.84
C VAL A 81 -13.43 2.43 -0.35
N SER A 82 -14.00 1.65 -1.25
CA SER A 82 -15.09 0.77 -0.87
C SER A 82 -14.58 -0.32 0.07
N ASN A 83 -15.48 -0.84 0.90
CA ASN A 83 -15.16 -2.04 1.66
C ASN A 83 -15.31 -3.27 0.77
N VAL A 84 -14.60 -4.32 1.14
CA VAL A 84 -14.69 -5.59 0.45
C VAL A 84 -15.70 -6.48 1.16
N THR A 85 -16.08 -7.56 0.50
CA THR A 85 -16.95 -8.59 1.09
C THR A 85 -16.11 -9.81 1.41
N ILE A 86 -16.21 -10.28 2.65
CA ILE A 86 -15.54 -11.50 3.07
C ILE A 86 -16.58 -12.61 3.07
N LYS A 87 -16.25 -13.73 2.44
CA LYS A 87 -17.14 -14.88 2.37
C LYS A 87 -16.32 -16.11 2.71
N SER A 88 -16.64 -16.75 3.84
CA SER A 88 -15.89 -17.92 4.30
C SER A 88 -14.40 -17.62 4.37
N GLY A 89 -14.06 -16.45 4.91
CA GLY A 89 -12.68 -16.07 5.10
C GLY A 89 -12.00 -15.47 3.90
N LEU A 90 -12.61 -15.54 2.71
CA LEU A 90 -11.99 -15.08 1.49
C LEU A 90 -12.57 -13.73 1.06
N ILE A 91 -11.74 -12.89 0.45
CA ILE A 91 -12.27 -11.71 -0.23
C ILE A 91 -12.85 -12.14 -1.55
N THR A 92 -14.08 -11.72 -1.85
CA THR A 92 -14.66 -12.04 -3.15
C THR A 92 -13.91 -11.29 -4.24
N GLU A 93 -13.75 -11.94 -5.39
CA GLU A 93 -13.00 -11.33 -6.49
C GLU A 93 -13.64 -10.01 -6.91
N SER A 94 -14.97 -9.97 -7.01
CA SER A 94 -15.65 -8.76 -7.50
C SER A 94 -15.43 -7.59 -6.55
N SER A 95 -15.52 -7.82 -5.23
CA SER A 95 -15.40 -6.71 -4.29
C SER A 95 -13.97 -6.20 -4.22
N LEU A 96 -12.99 -7.08 -4.39
CA LEU A 96 -11.60 -6.63 -4.45
C LEU A 96 -11.33 -5.88 -5.75
N LEU A 97 -11.89 -6.36 -6.86
CA LEU A 97 -11.75 -5.65 -8.13
C LEU A 97 -12.26 -4.21 -8.03
N LYS A 98 -13.35 -4.00 -7.29
CA LYS A 98 -13.89 -2.64 -7.17
C LYS A 98 -12.91 -1.72 -6.46
N VAL A 99 -12.25 -2.25 -5.41
CA VAL A 99 -11.26 -1.47 -4.68
C VAL A 99 -10.02 -1.23 -5.53
N LEU A 100 -9.58 -2.26 -6.28
CA LEU A 100 -8.36 -2.10 -7.06
C LEU A 100 -8.57 -1.04 -8.15
N LYS A 101 -9.71 -1.08 -8.81
CA LYS A 101 -10.03 -0.04 -9.79
C LYS A 101 -10.03 1.35 -9.15
N GLU A 102 -10.63 1.48 -7.97
CA GLU A 102 -10.64 2.76 -7.28
C GLU A 102 -9.22 3.25 -7.02
N VAL A 103 -8.37 2.36 -6.49
CA VAL A 103 -7.02 2.76 -6.11
C VAL A 103 -6.19 3.10 -7.34
N SER A 104 -6.36 2.34 -8.42
CA SER A 104 -5.62 2.63 -9.64
C SER A 104 -5.98 4.00 -10.20
N LEU A 105 -7.27 4.34 -10.22
CA LEU A 105 -7.69 5.64 -10.73
C LEU A 105 -7.21 6.76 -9.84
N ARG A 106 -7.38 6.59 -8.52
CA ARG A 106 -7.24 7.70 -7.58
C ARG A 106 -5.79 7.94 -7.23
N SER A 107 -4.99 6.88 -7.19
CA SER A 107 -3.61 6.96 -6.74
C SER A 107 -2.59 6.38 -7.72
N GLY A 108 -3.03 5.67 -8.75
CA GLY A 108 -2.10 4.89 -9.53
C GLY A 108 -2.00 5.20 -11.01
N GLN A 109 -2.43 6.39 -11.44
CA GLN A 109 -2.32 6.82 -12.84
C GLN A 109 -3.01 5.83 -13.79
N GLU A 110 -4.02 5.15 -13.28
CA GLU A 110 -4.84 4.23 -14.07
C GLU A 110 -3.98 3.14 -14.69
N GLY A 111 -2.97 2.69 -13.94
CA GLY A 111 -2.08 1.65 -14.39
C GLY A 111 -2.32 0.33 -13.65
N ARG A 112 -1.55 -0.66 -14.05
CA ARG A 112 -1.65 -1.98 -13.44
C ARG A 112 -1.06 -1.98 -12.04
N ILE A 113 -1.42 -2.99 -11.27
CA ILE A 113 -0.97 -3.15 -9.90
C ILE A 113 -0.18 -4.44 -9.79
N SER A 114 0.98 -4.39 -9.13
CA SER A 114 1.67 -5.56 -8.63
C SER A 114 1.59 -5.53 -7.10
N GLY A 115 1.10 -6.62 -6.48
CA GLY A 115 0.94 -6.62 -5.04
C GLY A 115 1.33 -7.94 -4.41
N VAL A 116 1.33 -7.95 -3.08
CA VAL A 116 1.41 -9.18 -2.30
C VAL A 116 0.27 -9.15 -1.29
N VAL A 117 -0.17 -10.33 -0.87
CA VAL A 117 -1.25 -10.46 0.09
C VAL A 117 -0.69 -11.06 1.36
N LEU A 118 -0.69 -10.28 2.43
CA LEU A 118 -0.13 -10.68 3.72
C LEU A 118 -1.26 -10.86 4.71
N ARG A 119 -1.08 -11.80 5.63
CA ARG A 119 -2.14 -12.15 6.58
C ARG A 119 -1.63 -12.16 8.00
N GLY A 120 -2.48 -11.75 8.93
CA GLY A 120 -2.16 -11.81 10.34
C GLY A 120 -3.23 -11.09 11.13
N LYS A 121 -3.04 -11.07 12.45
CA LYS A 121 -3.95 -10.35 13.34
C LYS A 121 -3.29 -9.00 13.64
N PHE A 122 -3.73 -7.96 12.93
CA PHE A 122 -3.05 -6.67 13.09
C PHE A 122 -3.88 -5.46 12.71
N PHE A 123 -5.18 -5.61 12.46
CA PHE A 123 -5.93 -4.50 11.89
C PHE A 123 -5.84 -3.25 12.76
N SER A 124 -6.16 -3.37 14.06
CA SER A 124 -6.18 -2.16 14.88
C SER A 124 -4.78 -1.57 15.03
N GLU A 125 -3.76 -2.43 15.12
CA GLU A 125 -2.39 -1.91 15.22
C GLU A 125 -1.95 -1.22 13.94
N ALA A 126 -2.31 -1.79 12.78
CA ALA A 126 -1.94 -1.16 11.52
C ALA A 126 -2.67 0.17 11.34
N ASP A 127 -3.97 0.18 11.65
CA ASP A 127 -4.75 1.42 11.55
C ASP A 127 -4.17 2.49 12.46
N SER A 128 -3.81 2.10 13.68
CA SER A 128 -3.20 3.06 14.62
C SER A 128 -1.86 3.57 14.12
N TRP A 129 -1.03 2.68 13.54
CA TRP A 129 0.27 3.09 13.04
C TRP A 129 0.14 4.07 11.88
N LEU A 130 -0.76 3.77 10.93
CA LEU A 130 -0.98 4.64 9.78
C LEU A 130 -1.54 6.00 10.21
N ARG A 131 -2.52 6.02 11.12
CA ARG A 131 -3.02 7.30 11.62
C ARG A 131 -1.92 8.04 12.37
N GLY A 132 -1.07 7.32 13.09
CA GLY A 132 0.04 7.96 13.78
C GLY A 132 1.04 8.59 12.83
N LYS A 133 1.36 7.91 11.74
CA LYS A 133 2.26 8.49 10.75
C LYS A 133 1.60 9.68 10.07
N MET A 134 0.30 9.61 9.81
CA MET A 134 -0.37 10.77 9.22
C MET A 134 -0.36 11.95 10.17
N ASP A 135 -0.45 11.71 11.48
CA ASP A 135 -0.35 12.79 12.46
C ASP A 135 0.98 13.52 12.41
N LEU A 136 2.00 12.96 11.77
CA LEU A 136 3.30 13.61 11.67
C LEU A 136 3.41 14.53 10.46
N ASN A 137 2.35 14.66 9.65
CA ASN A 137 2.49 15.38 8.38
C ASN A 137 2.93 16.82 8.59
N ASN A 138 2.48 17.46 9.67
CA ASN A 138 2.84 18.84 9.98
C ASN A 138 3.93 18.95 11.04
N SER A 139 4.55 17.87 11.40
CA SER A 139 5.50 17.94 12.50
C SER A 139 6.83 18.50 12.03
N PRO A 140 7.42 19.42 12.80
CA PRO A 140 8.79 19.88 12.51
C PRO A 140 9.81 18.77 12.49
N ASP A 141 9.52 17.63 13.11
CA ASP A 141 10.41 16.49 13.18
C ASP A 141 10.15 15.45 12.09
N LYS A 142 9.24 15.75 11.17
CA LYS A 142 8.94 14.82 10.08
C LYS A 142 10.19 14.53 9.25
N ILE A 143 10.43 13.25 8.97
CA ILE A 143 11.59 12.88 8.16
C ILE A 143 11.32 13.27 6.71
N PRO A 144 12.21 14.02 6.06
CA PRO A 144 11.93 14.50 4.70
C PRO A 144 11.87 13.36 3.69
N TYR A 145 11.05 13.57 2.67
CA TYR A 145 10.99 12.66 1.53
C TYR A 145 12.37 12.49 0.90
N ASP A 146 12.71 11.25 0.55
CA ASP A 146 13.94 10.96 -0.17
C ASP A 146 13.65 9.88 -1.20
N LEU A 147 13.87 10.18 -2.48
CA LEU A 147 13.47 9.28 -3.54
C LEU A 147 14.08 7.89 -3.37
N ASP A 148 15.29 7.81 -2.82
CA ASP A 148 16.03 6.56 -2.65
C ASP A 148 15.66 5.81 -1.36
N SER A 149 15.57 6.53 -0.25
CA SER A 149 15.63 5.91 1.06
C SER A 149 14.41 6.15 1.92
N HIS A 150 13.52 7.08 1.54
CA HIS A 150 12.40 7.43 2.41
C HIS A 150 11.26 7.83 1.48
N ASN A 151 10.56 6.83 0.98
CA ASN A 151 9.68 7.05 -0.15
C ASN A 151 8.43 6.20 0.01
N CAF A 152 7.63 6.12 -1.05
CA CAF A 152 6.35 5.44 -1.01
CB CAF A 152 5.63 5.56 -2.37
C CAF A 152 6.52 3.98 -0.62
O CAF A 152 5.67 3.43 0.10
SG CAF A 152 6.64 4.92 -3.74
AS CAF A 152 7.54 6.78 -4.63
CE1 CAF A 152 7.47 8.08 -3.20
CE2 CAF A 152 9.31 6.44 -5.40
O1 CAF A 152 6.56 7.35 -5.78
N MET A 153 7.57 3.35 -1.12
CA MET A 153 7.77 1.93 -0.84
C MET A 153 8.26 1.71 0.59
N THR A 154 9.22 2.51 1.04
CA THR A 154 9.74 2.30 2.39
C THR A 154 8.69 2.53 3.46
N PHE A 155 7.75 3.46 3.23
CA PHE A 155 6.60 3.62 4.11
C PHE A 155 5.89 2.28 4.33
N VAL A 156 5.58 1.58 3.24
CA VAL A 156 4.84 0.33 3.33
C VAL A 156 5.71 -0.77 3.94
N ILE A 157 6.99 -0.81 3.58
CA ILE A 157 7.89 -1.80 4.18
C ILE A 157 7.96 -1.59 5.68
N ASP A 158 8.09 -0.33 6.10
CA ASP A 158 8.16 -0.02 7.53
C ASP A 158 6.88 -0.43 8.25
N LEU A 159 5.72 -0.27 7.61
CA LEU A 159 4.47 -0.75 8.20
C LEU A 159 4.50 -2.26 8.38
N ALA A 160 4.87 -2.98 7.33
CA ALA A 160 4.86 -4.43 7.40
C ALA A 160 5.86 -4.93 8.42
N ASP A 161 7.05 -4.30 8.46
CA ASP A 161 8.02 -4.61 9.51
C ASP A 161 7.41 -4.39 10.89
N ALA A 162 6.71 -3.26 11.07
CA ALA A 162 6.14 -2.93 12.36
C ALA A 162 5.05 -3.91 12.77
N MET A 163 4.37 -4.52 11.80
CA MET A 163 3.32 -5.49 12.13
C MET A 163 3.90 -6.86 12.48
N GLY A 164 5.22 -7.03 12.42
CA GLY A 164 5.82 -8.34 12.61
C GLY A 164 5.71 -9.26 11.42
N LEU A 165 5.51 -8.73 10.22
CA LEU A 165 5.28 -9.55 9.04
C LEU A 165 6.55 -9.91 8.28
N ASP A 166 7.70 -9.43 8.73
CA ASP A 166 8.99 -9.79 8.15
C ASP A 166 9.00 -9.62 6.63
N PRO A 167 8.84 -8.40 6.13
CA PRO A 167 8.89 -8.16 4.68
C PRO A 167 10.29 -8.44 4.14
N ALA A 168 10.37 -8.44 2.81
CA ALA A 168 11.65 -8.68 2.14
C ALA A 168 12.67 -7.61 2.54
N TRP A 169 13.93 -8.02 2.54
CA TRP A 169 15.01 -7.13 2.95
C TRP A 169 14.97 -5.81 2.18
N LYS A 170 15.19 -4.72 2.91
CA LYS A 170 15.13 -3.38 2.35
C LYS A 170 16.53 -2.91 1.96
N PRO A 171 16.83 -2.75 0.67
CA PRO A 171 18.17 -2.29 0.27
C PRO A 171 18.36 -0.82 0.59
N PRO A 172 19.60 -0.32 0.52
CA PRO A 172 19.80 1.11 0.76
C PRO A 172 19.11 2.00 -0.26
N VAL A 173 18.86 1.51 -1.46
CA VAL A 173 18.13 2.24 -2.50
C VAL A 173 16.90 1.41 -2.86
N VAL A 174 15.73 1.92 -2.52
CA VAL A 174 14.48 1.17 -2.61
C VAL A 174 13.71 1.63 -3.84
N VAL A 175 13.63 0.75 -4.85
CA VAL A 175 12.90 1.00 -6.08
C VAL A 175 11.59 0.24 -6.01
N PRO A 176 10.43 0.91 -6.07
CA PRO A 176 9.18 0.20 -5.80
C PRO A 176 8.97 -0.97 -6.74
N SER A 177 9.20 -0.76 -8.04
CA SER A 177 8.98 -1.84 -9.00
C SER A 177 9.90 -3.02 -8.75
N ALA A 178 11.18 -2.75 -8.45
CA ALA A 178 12.11 -3.85 -8.18
C ALA A 178 11.76 -4.53 -6.87
N TYR A 179 11.45 -3.74 -5.84
CA TYR A 179 11.22 -4.33 -4.51
C TYR A 179 10.01 -5.24 -4.50
N ILE A 180 8.92 -4.82 -5.15
CA ILE A 180 7.70 -5.64 -5.07
C ILE A 180 7.94 -6.99 -5.70
N GLU A 181 8.75 -7.04 -6.76
CA GLU A 181 9.03 -8.33 -7.38
C GLU A 181 9.86 -9.21 -6.46
N GLN A 182 10.82 -8.63 -5.73
CA GLN A 182 11.51 -9.37 -4.69
C GLN A 182 10.55 -9.86 -3.62
N PHE A 183 9.63 -8.98 -3.18
CA PHE A 183 8.69 -9.35 -2.12
C PHE A 183 7.81 -10.50 -2.57
N GLN A 184 7.44 -10.51 -3.85
CA GLN A 184 6.57 -11.56 -4.37
C GLN A 184 7.24 -12.92 -4.38
N LEU A 185 8.56 -12.98 -4.33
CA LEU A 185 9.23 -14.28 -4.33
C LEU A 185 8.87 -15.13 -3.11
N SER A 186 8.44 -14.51 -2.00
CA SER A 186 8.12 -15.24 -0.78
C SER A 186 6.69 -15.03 -0.30
N GLU A 187 5.83 -14.42 -1.09
CA GLU A 187 4.45 -14.16 -0.67
C GLU A 187 3.51 -14.42 -1.83
N ILE A 188 2.21 -14.49 -1.50
CA ILE A 188 1.15 -14.59 -2.51
C ILE A 188 1.19 -13.37 -3.40
N ASP A 189 1.12 -13.57 -4.72
CA ASP A 189 1.16 -12.50 -5.71
C ASP A 189 -0.24 -11.98 -6.01
N LEU A 190 -0.34 -10.68 -6.25
CA LEU A 190 -1.56 -10.06 -6.76
C LEU A 190 -1.19 -9.29 -8.02
N ASP A 191 -1.92 -9.54 -9.10
CA ASP A 191 -1.77 -8.80 -10.34
C ASP A 191 -3.12 -8.27 -10.77
N TYR A 192 -3.17 -6.99 -11.16
CA TYR A 192 -4.41 -6.37 -11.57
C TYR A 192 -4.13 -5.49 -12.77
N ASP A 193 -4.95 -5.60 -13.81
CA ASP A 193 -4.85 -4.72 -14.96
C ASP A 193 -6.06 -3.79 -14.99
N TYR A 194 -5.79 -2.49 -15.07
CA TYR A 194 -6.86 -1.50 -15.03
C TYR A 194 -7.66 -1.50 -16.34
N LYS A 195 -6.96 -1.58 -17.46
CA LYS A 195 -7.63 -1.49 -18.76
C LYS A 195 -8.60 -2.66 -18.97
N THR A 196 -8.18 -3.86 -18.63
CA THR A 196 -9.08 -5.01 -18.75
C THR A 196 -9.91 -5.26 -17.50
N ASN A 197 -9.58 -4.60 -16.39
CA ASN A 197 -10.25 -4.78 -15.09
C ASN A 197 -10.26 -6.24 -14.70
N LYS A 198 -9.08 -6.87 -14.78
CA LYS A 198 -8.92 -8.27 -14.43
C LYS A 198 -7.91 -8.40 -13.31
N LEU A 199 -8.23 -9.29 -12.37
CA LEU A 199 -7.40 -9.59 -11.22
C LEU A 199 -6.92 -11.04 -11.33
N THR A 200 -5.65 -11.26 -10.98
CA THR A 200 -5.10 -12.60 -10.92
C THR A 200 -4.34 -12.72 -9.61
N VAL A 201 -4.68 -13.71 -8.80
CA VAL A 201 -3.92 -14.00 -7.59
C VAL A 201 -3.18 -15.32 -7.85
N SER A 202 -1.91 -15.37 -7.45
CA SER A 202 -1.14 -16.55 -7.77
C SER A 202 -0.11 -16.79 -6.68
N GLU A 203 0.62 -17.87 -6.82
CA GLU A 203 1.66 -18.16 -5.86
C GLU A 203 2.70 -17.04 -5.86
CA CA B . 5.30 -9.90 -10.65
CA CA C . 4.82 -15.35 -4.99
#